data_7DHS
#
_entry.id   7DHS
#
_cell.length_a   36.690
_cell.length_b   78.650
_cell.length_c   47.540
_cell.angle_alpha   90.000
_cell.angle_beta   93.490
_cell.angle_gamma   90.000
#
_symmetry.space_group_name_H-M   'P 1 21 1'
#
loop_
_entity.id
_entity.type
_entity.pdbx_description
1 polymer 'Bromodomain-containing protein 4'
2 non-polymer 6-(3,5-dimethyl-1,2-oxazol-4-yl)-1-[(1R)-1-phenylethyl]benzo[cd]indol-2-one
3 water water
#
_entity_poly.entity_id   1
_entity_poly.type   'polypeptide(L)'
_entity_poly.pdbx_seq_one_letter_code
;MKKGHHHHHHLVPRGSNPPPPETSNPNKPKRQTNQLQYLLRVVLKTLWKHQFAWPFQQPVDAVKLNLPDYYKIIKTPMDM
GTIKKRLENNYYWNAQECIQDFNTMFTNCYIYNKPGDDIVLMAEALEKLFLQKINELPTEE
;
_entity_poly.pdbx_strand_id   A,B
#
# COMPACT_ATOMS: atom_id res chain seq x y z
N LEU A 11 2.99 -16.78 -29.93
CA LEU A 11 1.60 -17.31 -30.00
C LEU A 11 1.44 -18.42 -28.98
N VAL A 12 0.65 -18.14 -27.95
CA VAL A 12 0.53 -18.98 -26.78
C VAL A 12 -0.57 -19.99 -27.01
N PRO A 13 -0.28 -21.28 -26.77
CA PRO A 13 -1.26 -22.30 -27.10
C PRO A 13 -2.43 -22.41 -26.14
N ARG A 14 -3.38 -23.21 -26.56
CA ARG A 14 -4.66 -23.33 -25.92
C ARG A 14 -4.40 -24.27 -24.76
N GLY A 15 -4.87 -23.92 -23.57
CA GLY A 15 -4.58 -24.68 -22.35
C GLY A 15 -3.36 -24.19 -21.60
N SER A 16 -2.78 -23.06 -22.02
CA SER A 16 -1.67 -22.45 -21.30
C SER A 16 -2.12 -21.76 -20.01
N ASN A 17 -3.41 -21.42 -19.92
CA ASN A 17 -3.98 -20.86 -18.68
C ASN A 17 -4.30 -21.96 -17.67
N PRO A 18 -3.89 -21.77 -16.39
CA PRO A 18 -4.35 -22.68 -15.32
C PRO A 18 -5.84 -22.52 -15.05
N PRO A 19 -6.44 -23.47 -14.30
CA PRO A 19 -7.86 -23.24 -14.00
C PRO A 19 -7.98 -22.00 -13.11
N PRO A 20 -9.08 -21.23 -13.21
CA PRO A 20 -9.11 -20.05 -12.34
C PRO A 20 -9.18 -20.42 -10.84
N PRO A 21 -8.89 -19.45 -9.95
CA PRO A 21 -9.10 -19.72 -8.55
C PRO A 21 -10.58 -20.08 -8.23
N GLU A 22 -10.79 -20.97 -7.28
CA GLU A 22 -12.14 -21.45 -6.95
C GLU A 22 -12.97 -20.30 -6.39
N THR A 23 -14.26 -20.25 -6.75
CA THR A 23 -15.18 -19.26 -6.19
C THR A 23 -16.29 -19.87 -5.34
N SER A 24 -16.28 -21.20 -5.20
CA SER A 24 -17.25 -21.91 -4.39
C SER A 24 -16.55 -23.11 -3.83
N ASN A 25 -16.91 -23.46 -2.59
CA ASN A 25 -16.34 -24.59 -1.91
C ASN A 25 -17.32 -24.89 -0.77
N PRO A 26 -18.19 -25.92 -0.95
CA PRO A 26 -19.25 -26.19 0.05
C PRO A 26 -18.74 -26.48 1.44
N ASN A 27 -17.54 -27.05 1.55
CA ASN A 27 -16.98 -27.51 2.82
C ASN A 27 -16.07 -26.49 3.51
N LYS A 28 -15.80 -25.39 2.82
CA LYS A 28 -15.11 -24.26 3.43
C LYS A 28 -16.04 -23.56 4.41
N PRO A 29 -15.57 -23.29 5.63
CA PRO A 29 -16.39 -22.48 6.53
C PRO A 29 -16.45 -21.02 6.05
N LYS A 30 -17.63 -20.43 6.11
CA LYS A 30 -17.81 -19.11 5.57
C LYS A 30 -18.94 -18.36 6.27
N ARG A 31 -18.95 -17.05 6.10
CA ARG A 31 -19.87 -16.14 6.78
C ARG A 31 -20.20 -14.93 5.92
N GLN A 32 -21.22 -14.22 6.38
CA GLN A 32 -21.52 -12.86 5.97
C GLN A 32 -21.29 -12.03 7.22
N THR A 33 -20.55 -10.92 7.06
CA THR A 33 -20.26 -9.98 8.16
C THR A 33 -20.47 -8.57 7.62
N ASN A 34 -20.70 -7.61 8.52
CA ASN A 34 -20.81 -6.20 8.13
C ASN A 34 -19.64 -5.72 7.25
N GLN A 35 -18.43 -6.19 7.59
CA GLN A 35 -17.21 -5.85 6.87
C GLN A 35 -17.18 -6.45 5.47
N LEU A 36 -17.53 -7.72 5.35
CA LEU A 36 -17.58 -8.36 4.02
C LEU A 36 -18.69 -7.79 3.15
N GLN A 37 -19.79 -7.40 3.79
CA GLN A 37 -20.88 -6.74 3.05
C GLN A 37 -20.42 -5.37 2.53
N TYR A 38 -19.64 -4.64 3.34
CA TYR A 38 -19.05 -3.36 2.94
C TYR A 38 -18.01 -3.57 1.82
N LEU A 39 -17.23 -4.64 1.92
CA LEU A 39 -16.30 -5.01 0.85
C LEU A 39 -17.00 -5.17 -0.49
N LEU A 40 -18.18 -5.77 -0.49
CA LEU A 40 -18.91 -5.97 -1.75
C LEU A 40 -19.61 -4.69 -2.18
N ARG A 41 -20.38 -4.12 -1.27
CA ARG A 41 -21.32 -3.05 -1.64
C ARG A 41 -20.66 -1.69 -1.82
N VAL A 42 -19.48 -1.48 -1.25
CA VAL A 42 -18.75 -0.23 -1.39
C VAL A 42 -17.39 -0.40 -2.10
N VAL A 43 -16.55 -1.30 -1.58
CA VAL A 43 -15.16 -1.37 -2.01
C VAL A 43 -15.04 -1.99 -3.41
N LEU A 44 -15.57 -3.19 -3.59
CA LEU A 44 -15.53 -3.84 -4.88
C LEU A 44 -16.30 -3.01 -5.92
N LYS A 45 -17.50 -2.53 -5.59
CA LYS A 45 -18.29 -1.70 -6.52
C LYS A 45 -17.57 -0.44 -7.02
N THR A 46 -16.91 0.25 -6.09
CA THR A 46 -16.20 1.48 -6.41
C THR A 46 -15.05 1.17 -7.35
N LEU A 47 -14.32 0.09 -7.05
CA LEU A 47 -13.20 -0.30 -7.92
C LEU A 47 -13.67 -0.86 -9.26
N TRP A 48 -14.77 -1.60 -9.26
CA TRP A 48 -15.28 -2.23 -10.47
C TRP A 48 -15.67 -1.19 -11.53
N LYS A 49 -16.35 -0.15 -11.09
CA LYS A 49 -16.86 0.92 -11.95
C LYS A 49 -15.78 1.90 -12.42
N HIS A 50 -14.58 1.85 -11.82
CA HIS A 50 -13.47 2.72 -12.21
C HIS A 50 -13.05 2.49 -13.66
N GLN A 51 -12.65 3.58 -14.33
CA GLN A 51 -12.22 3.52 -15.74
C GLN A 51 -11.04 2.56 -16.01
N PHE A 52 -10.23 2.31 -14.98
CA PHE A 52 -9.07 1.40 -15.08
C PHE A 52 -9.33 -0.05 -14.58
N ALA A 53 -10.59 -0.38 -14.24
CA ALA A 53 -10.93 -1.69 -13.65
C ALA A 53 -10.84 -2.85 -14.62
N TRP A 54 -11.22 -2.62 -15.87
CA TRP A 54 -11.44 -3.71 -16.83
C TRP A 54 -10.36 -4.80 -17.00
N PRO A 55 -9.04 -4.44 -17.00
CA PRO A 55 -8.09 -5.57 -17.13
C PRO A 55 -8.07 -6.45 -15.89
N PHE A 56 -8.55 -5.92 -14.78
CA PHE A 56 -8.57 -6.64 -13.53
C PHE A 56 -9.87 -7.38 -13.29
N GLN A 57 -10.82 -7.29 -14.21
CA GLN A 57 -12.17 -7.85 -13.98
C GLN A 57 -12.31 -9.35 -14.25
N GLN A 58 -11.22 -9.99 -14.64
CA GLN A 58 -11.22 -11.39 -15.01
C GLN A 58 -9.79 -11.89 -14.88
N PRO A 59 -9.59 -13.22 -14.74
CA PRO A 59 -8.21 -13.73 -14.70
C PRO A 59 -7.42 -13.30 -15.94
N VAL A 60 -6.13 -13.09 -15.75
CA VAL A 60 -5.23 -12.77 -16.86
C VAL A 60 -5.26 -13.94 -17.84
N ASP A 61 -5.62 -13.66 -19.09
CA ASP A 61 -5.70 -14.68 -20.13
C ASP A 61 -4.41 -14.61 -20.95
N ALA A 62 -3.44 -15.46 -20.59
CA ALA A 62 -2.12 -15.46 -21.19
C ALA A 62 -2.16 -15.92 -22.65
N VAL A 63 -3.21 -16.64 -23.02
CA VAL A 63 -3.41 -17.09 -24.40
C VAL A 63 -3.84 -15.89 -25.26
N LYS A 64 -4.91 -15.22 -24.84
CA LYS A 64 -5.41 -14.05 -25.55
C LYS A 64 -4.34 -12.95 -25.58
N LEU A 65 -3.69 -12.73 -24.43
CA LEU A 65 -2.66 -11.71 -24.35
C LEU A 65 -1.30 -12.14 -24.90
N ASN A 66 -1.17 -13.40 -25.31
CA ASN A 66 0.09 -13.97 -25.82
C ASN A 66 1.31 -13.74 -24.91
N LEU A 67 1.16 -14.23 -23.68
CA LEU A 67 2.17 -14.04 -22.63
C LEU A 67 2.68 -15.37 -22.13
N PRO A 68 3.65 -15.96 -22.85
CA PRO A 68 3.99 -17.34 -22.47
C PRO A 68 4.70 -17.43 -21.12
N ASP A 69 5.18 -16.28 -20.63
CA ASP A 69 5.84 -16.21 -19.33
C ASP A 69 4.93 -15.99 -18.14
N TYR A 70 3.67 -15.57 -18.30
CA TYR A 70 2.91 -15.00 -17.17
C TYR A 70 2.75 -15.99 -16.02
N TYR A 71 2.26 -17.18 -16.35
CA TYR A 71 2.01 -18.21 -15.35
C TYR A 71 3.28 -19.02 -15.04
N LYS A 72 4.38 -18.74 -15.75
CA LYS A 72 5.72 -19.20 -15.32
C LYS A 72 6.32 -18.33 -14.21
N ILE A 73 5.82 -17.10 -14.08
CA ILE A 73 6.24 -16.13 -13.09
C ILE A 73 5.20 -16.02 -11.97
N ILE A 74 3.92 -15.84 -12.30
CA ILE A 74 2.84 -15.69 -11.31
C ILE A 74 2.21 -17.04 -10.95
N LYS A 75 2.49 -17.51 -9.73
CA LYS A 75 2.01 -18.79 -9.24
C LYS A 75 0.81 -18.66 -8.31
N THR A 76 0.48 -17.44 -7.88
CA THR A 76 -0.72 -17.22 -7.05
C THR A 76 -1.61 -16.17 -7.72
N PRO A 77 -2.16 -16.52 -8.90
CA PRO A 77 -3.05 -15.57 -9.59
C PRO A 77 -4.28 -15.14 -8.80
N MET A 78 -4.68 -13.89 -9.03
CA MET A 78 -5.93 -13.35 -8.49
C MET A 78 -6.41 -12.18 -9.31
N ASP A 79 -7.73 -11.96 -9.31
CA ASP A 79 -8.35 -10.93 -10.12
C ASP A 79 -9.63 -10.49 -9.44
N MET A 80 -10.15 -9.31 -9.81
CA MET A 80 -11.37 -8.79 -9.17
C MET A 80 -12.61 -9.57 -9.54
N GLY A 81 -12.62 -10.27 -10.68
CA GLY A 81 -13.76 -11.11 -11.06
C GLY A 81 -13.90 -12.28 -10.08
N THR A 82 -12.76 -12.90 -9.77
CA THR A 82 -12.72 -13.94 -8.76
C THR A 82 -13.17 -13.43 -7.39
N ILE A 83 -12.69 -12.25 -7.02
CA ILE A 83 -13.03 -11.62 -5.74
C ILE A 83 -14.54 -11.30 -5.69
N LYS A 84 -15.07 -10.76 -6.78
CA LYS A 84 -16.51 -10.45 -6.90
C LYS A 84 -17.36 -11.71 -6.67
N LYS A 85 -17.03 -12.78 -7.39
CA LYS A 85 -17.76 -14.06 -7.27
C LYS A 85 -17.66 -14.63 -5.87
N ARG A 86 -16.46 -14.61 -5.30
CA ARG A 86 -16.27 -14.98 -3.90
C ARG A 86 -17.15 -14.19 -2.94
N LEU A 87 -17.19 -12.86 -3.09
CA LEU A 87 -18.01 -12.03 -2.22
C LEU A 87 -19.48 -12.35 -2.42
N GLU A 88 -19.92 -12.48 -3.67
CA GLU A 88 -21.31 -12.87 -3.99
C GLU A 88 -21.71 -14.24 -3.47
N ASN A 89 -20.76 -15.18 -3.50
CA ASN A 89 -20.99 -16.54 -3.00
C ASN A 89 -20.76 -16.66 -1.49
N ASN A 90 -20.54 -15.54 -0.79
CA ASN A 90 -20.15 -15.57 0.60
C ASN A 90 -19.06 -16.60 0.91
N TYR A 91 -18.03 -16.62 0.07
CA TYR A 91 -16.97 -17.61 0.13
C TYR A 91 -15.99 -17.42 1.30
N TYR A 92 -15.89 -16.18 1.80
CA TYR A 92 -14.93 -15.83 2.85
C TYR A 92 -15.49 -15.97 4.24
N TRP A 93 -14.60 -16.24 5.18
CA TRP A 93 -14.93 -16.19 6.61
C TRP A 93 -14.85 -14.77 7.19
N ASN A 94 -13.89 -13.97 6.72
CA ASN A 94 -13.69 -12.63 7.28
C ASN A 94 -13.12 -11.67 6.22
N ALA A 95 -13.16 -10.40 6.56
CA ALA A 95 -12.73 -9.32 5.66
C ALA A 95 -11.26 -9.48 5.29
N GLN A 96 -10.46 -9.96 6.23
CA GLN A 96 -9.03 -10.11 5.98
C GLN A 96 -8.72 -11.07 4.85
N GLU A 97 -9.47 -12.16 4.76
CA GLU A 97 -9.30 -13.11 3.64
C GLU A 97 -9.55 -12.45 2.29
N CYS A 98 -10.58 -11.61 2.23
CA CYS A 98 -10.87 -10.84 1.02
C CYS A 98 -9.81 -9.81 0.71
N ILE A 99 -9.42 -9.05 1.71
CA ILE A 99 -8.36 -8.04 1.54
C ILE A 99 -7.08 -8.70 1.02
N GLN A 100 -6.77 -9.89 1.51
CA GLN A 100 -5.58 -10.63 1.05
C GLN A 100 -5.65 -10.92 -0.46
N ASP A 101 -6.84 -11.27 -0.96
CA ASP A 101 -7.00 -11.44 -2.41
C ASP A 101 -6.74 -10.14 -3.17
N PHE A 102 -7.24 -8.99 -2.69
CA PHE A 102 -6.89 -7.72 -3.37
C PHE A 102 -5.38 -7.49 -3.35
N ASN A 103 -4.76 -7.71 -2.20
CA ASN A 103 -3.30 -7.54 -2.06
C ASN A 103 -2.53 -8.40 -3.07
N THR A 104 -2.92 -9.67 -3.17
CA THR A 104 -2.36 -10.60 -4.17
C THR A 104 -2.48 -10.08 -5.61
N MET A 105 -3.69 -9.62 -5.98
CA MET A 105 -3.95 -9.06 -7.31
C MET A 105 -3.00 -7.94 -7.63
N PHE A 106 -2.90 -6.98 -6.71
CA PHE A 106 -1.98 -5.87 -6.91
C PHE A 106 -0.51 -6.30 -6.98
N THR A 107 -0.02 -7.08 -6.02
CA THR A 107 1.42 -7.36 -6.00
C THR A 107 1.80 -8.19 -7.25
N ASN A 108 0.90 -9.09 -7.68
CA ASN A 108 1.12 -9.87 -8.92
C ASN A 108 1.43 -8.99 -10.12
N CYS A 109 0.61 -7.95 -10.27
CA CYS A 109 0.73 -6.97 -11.34
C CYS A 109 2.07 -6.26 -11.24
N TYR A 110 2.42 -5.84 -10.02
CA TYR A 110 3.68 -5.16 -9.80
C TYR A 110 4.88 -6.08 -9.96
N ILE A 111 4.73 -7.36 -9.69
CA ILE A 111 5.80 -8.35 -9.94
C ILE A 111 6.01 -8.58 -11.43
N TYR A 112 4.91 -8.85 -12.15
CA TYR A 112 5.02 -9.27 -13.56
C TYR A 112 5.44 -8.11 -14.47
N ASN A 113 4.94 -6.92 -14.19
CA ASN A 113 5.10 -5.78 -15.08
C ASN A 113 6.23 -4.90 -14.57
N LYS A 114 6.44 -3.79 -15.26
CA LYS A 114 7.54 -2.84 -15.04
C LYS A 114 6.95 -1.47 -14.65
N PRO A 115 7.50 -0.76 -13.64
CA PRO A 115 7.02 0.57 -13.20
C PRO A 115 6.51 1.59 -14.25
N GLY A 116 7.09 1.60 -15.46
CA GLY A 116 6.59 2.47 -16.54
C GLY A 116 5.33 2.03 -17.28
N ASP A 117 4.90 0.78 -17.07
CA ASP A 117 3.82 0.18 -17.87
C ASP A 117 2.45 0.78 -17.63
N ASP A 118 1.62 0.87 -18.67
CA ASP A 118 0.27 1.41 -18.53
C ASP A 118 -0.51 0.63 -17.47
N ILE A 119 -0.38 -0.69 -17.46
CA ILE A 119 -1.11 -1.53 -16.52
C ILE A 119 -0.72 -1.23 -15.07
N VAL A 120 0.54 -0.88 -14.87
CA VAL A 120 1.02 -0.47 -13.54
C VAL A 120 0.38 0.86 -13.08
N LEU A 121 0.30 1.85 -13.97
CA LEU A 121 -0.39 3.13 -13.68
C LEU A 121 -1.84 2.90 -13.29
N MET A 122 -2.48 1.95 -13.99
CA MET A 122 -3.86 1.59 -13.71
C MET A 122 -4.01 0.93 -12.33
N ALA A 123 -3.11 -0.01 -12.04
CA ALA A 123 -3.10 -0.69 -10.76
C ALA A 123 -2.80 0.26 -9.60
N GLU A 124 -1.90 1.22 -9.79
CA GLU A 124 -1.60 2.21 -8.72
C GLU A 124 -2.79 3.10 -8.41
N ALA A 125 -3.54 3.45 -9.45
CA ALA A 125 -4.75 4.22 -9.30
C ALA A 125 -5.79 3.49 -8.44
N LEU A 126 -6.02 2.24 -8.79
CA LEU A 126 -7.01 1.41 -8.09
C LEU A 126 -6.53 1.06 -6.68
N GLU A 127 -5.21 0.91 -6.50
CA GLU A 127 -4.62 0.59 -5.20
C GLU A 127 -4.85 1.76 -4.21
N LYS A 128 -4.58 2.99 -4.65
CA LYS A 128 -4.90 4.16 -3.82
C LYS A 128 -6.39 4.25 -3.48
N LEU A 129 -7.24 4.01 -4.47
CA LEU A 129 -8.70 4.02 -4.23
C LEU A 129 -9.08 2.94 -3.21
N PHE A 130 -8.55 1.75 -3.43
CA PHE A 130 -8.67 0.66 -2.47
C PHE A 130 -8.28 1.04 -1.06
N LEU A 131 -7.08 1.62 -0.87
CA LEU A 131 -6.65 1.95 0.50
C LEU A 131 -7.61 2.97 1.11
N GLN A 132 -8.05 3.95 0.31
CA GLN A 132 -9.04 4.96 0.77
C GLN A 132 -10.34 4.35 1.26
N LYS A 133 -10.90 3.44 0.47
CA LYS A 133 -12.14 2.76 0.87
C LYS A 133 -11.96 1.83 2.07
N ILE A 134 -10.76 1.27 2.24
CA ILE A 134 -10.49 0.44 3.41
C ILE A 134 -10.47 1.28 4.71
N ASN A 135 -10.17 2.57 4.62
CA ASN A 135 -10.26 3.49 5.79
C ASN A 135 -11.62 3.45 6.50
N GLU A 136 -12.72 3.35 5.73
CA GLU A 136 -14.09 3.35 6.29
C GLU A 136 -14.68 1.94 6.43
N LEU A 137 -13.82 0.94 6.35
CA LEU A 137 -14.19 -0.45 6.62
C LEU A 137 -14.70 -0.50 8.07
N PRO A 138 -15.94 -0.97 8.29
CA PRO A 138 -16.46 -0.95 9.66
C PRO A 138 -15.57 -1.71 10.66
N THR A 139 -15.56 -1.25 11.90
CA THR A 139 -14.61 -1.78 12.87
C THR A 139 -15.18 -3.07 13.43
N SER B 16 6.11 22.47 25.89
CA SER B 16 5.62 22.58 24.48
C SER B 16 6.43 21.71 23.55
N ASN B 17 5.92 21.57 22.33
CA ASN B 17 6.60 20.80 21.32
C ASN B 17 7.81 21.55 20.79
N PRO B 18 8.85 20.82 20.33
CA PRO B 18 9.94 21.48 19.62
C PRO B 18 9.49 21.89 18.23
N PRO B 19 10.22 22.84 17.61
CA PRO B 19 9.88 23.12 16.22
C PRO B 19 10.06 21.84 15.40
N PRO B 20 9.27 21.67 14.33
CA PRO B 20 9.40 20.45 13.57
C PRO B 20 10.69 20.41 12.79
N PRO B 21 11.05 19.23 12.27
CA PRO B 21 12.25 19.21 11.42
C PRO B 21 12.10 20.15 10.22
N GLU B 22 13.23 20.60 9.70
CA GLU B 22 13.27 21.52 8.55
C GLU B 22 12.83 20.80 7.29
N THR B 23 12.13 21.53 6.42
CA THR B 23 11.78 21.05 5.09
C THR B 23 12.40 21.91 4.00
N SER B 24 13.13 22.94 4.37
CA SER B 24 13.97 23.65 3.41
C SER B 24 15.31 24.04 4.03
N ASN B 25 16.28 24.24 3.15
CA ASN B 25 17.65 24.52 3.54
C ASN B 25 18.41 24.95 2.28
N PRO B 26 18.55 26.28 2.06
CA PRO B 26 19.28 26.81 0.89
C PRO B 26 20.72 26.32 0.71
N ASN B 27 21.43 26.00 1.81
CA ASN B 27 22.83 25.49 1.74
C ASN B 27 23.00 23.99 1.45
N LYS B 28 21.90 23.24 1.54
CA LYS B 28 21.99 21.79 1.34
C LYS B 28 22.15 21.49 -0.16
N PRO B 29 23.02 20.51 -0.52
CA PRO B 29 23.03 20.06 -1.94
C PRO B 29 21.75 19.29 -2.27
N LYS B 30 21.14 19.62 -3.41
CA LYS B 30 19.82 19.12 -3.78
C LYS B 30 19.77 18.65 -5.23
N ARG B 31 18.98 17.60 -5.48
CA ARG B 31 18.69 17.15 -6.83
C ARG B 31 17.31 16.59 -6.94
N GLN B 32 16.79 16.58 -8.17
CA GLN B 32 15.71 15.72 -8.52
C GLN B 32 16.36 14.49 -9.17
N THR B 33 15.94 13.32 -8.73
CA THR B 33 16.26 12.06 -9.41
C THR B 33 14.95 11.35 -9.69
N ASN B 34 15.00 10.40 -10.59
CA ASN B 34 13.82 9.56 -10.86
C ASN B 34 13.45 8.73 -9.62
N GLN B 35 14.47 8.29 -8.86
CA GLN B 35 14.24 7.59 -7.59
C GLN B 35 13.53 8.48 -6.56
N LEU B 36 13.90 9.76 -6.49
CA LEU B 36 13.22 10.72 -5.58
C LEU B 36 11.79 10.98 -6.05
N GLN B 37 11.60 11.09 -7.36
CA GLN B 37 10.24 11.22 -7.91
C GLN B 37 9.37 9.98 -7.64
N TYR B 38 9.95 8.79 -7.72
CA TYR B 38 9.26 7.55 -7.32
C TYR B 38 8.87 7.59 -5.84
N LEU B 39 9.76 8.13 -5.01
CA LEU B 39 9.51 8.23 -3.57
C LEU B 39 8.28 9.11 -3.27
N LEU B 40 8.07 10.18 -4.05
CA LEU B 40 6.88 11.02 -3.81
C LEU B 40 5.64 10.42 -4.44
N ARG B 41 5.72 10.13 -5.73
CA ARG B 41 4.56 9.70 -6.52
C ARG B 41 4.02 8.35 -6.13
N VAL B 42 4.90 7.40 -5.84
CA VAL B 42 4.46 6.05 -5.48
C VAL B 42 4.54 5.79 -3.97
N VAL B 43 5.73 5.94 -3.39
CA VAL B 43 5.93 5.51 -2.00
C VAL B 43 5.09 6.37 -1.07
N LEU B 44 5.40 7.66 -0.98
CA LEU B 44 4.66 8.50 -0.03
C LEU B 44 3.17 8.58 -0.38
N LYS B 45 2.84 8.73 -1.66
CA LYS B 45 1.43 8.94 -2.02
C LYS B 45 0.57 7.67 -1.83
N THR B 46 1.18 6.48 -1.80
CA THR B 46 0.42 5.26 -1.48
C THR B 46 0.28 5.16 0.04
N LEU B 47 1.41 5.27 0.73
CA LEU B 47 1.44 5.20 2.18
C LEU B 47 0.45 6.16 2.83
N TRP B 48 0.41 7.39 2.31
CA TRP B 48 -0.47 8.45 2.82
C TRP B 48 -1.94 8.04 2.92
N LYS B 49 -2.36 7.21 1.96
CA LYS B 49 -3.77 6.77 1.86
C LYS B 49 -4.14 5.62 2.78
N HIS B 50 -3.14 4.93 3.35
CA HIS B 50 -3.38 3.77 4.19
C HIS B 50 -4.15 4.14 5.45
N GLN B 51 -5.07 3.26 5.86
CA GLN B 51 -5.92 3.47 7.06
C GLN B 51 -5.17 3.73 8.37
N PHE B 52 -3.89 3.36 8.43
CA PHE B 52 -3.09 3.54 9.63
C PHE B 52 -2.04 4.65 9.45
N ALA B 53 -2.15 5.44 8.38
CA ALA B 53 -1.17 6.51 8.09
C ALA B 53 -1.32 7.72 8.99
N TRP B 54 -2.54 7.95 9.49
CA TRP B 54 -2.84 9.22 10.14
C TRP B 54 -1.94 9.63 11.32
N PRO B 55 -1.58 8.70 12.23
CA PRO B 55 -0.66 9.14 13.30
C PRO B 55 0.72 9.62 12.81
N PHE B 56 1.11 9.14 11.63
CA PHE B 56 2.38 9.42 11.03
C PHE B 56 2.35 10.56 10.04
N GLN B 57 1.19 11.23 9.87
CA GLN B 57 1.07 12.33 8.88
C GLN B 57 1.60 13.71 9.35
N GLN B 58 1.98 13.81 10.61
CA GLN B 58 2.46 15.06 11.20
C GLN B 58 3.39 14.74 12.36
N PRO B 59 4.25 15.70 12.77
CA PRO B 59 5.07 15.42 13.95
C PRO B 59 4.25 14.96 15.18
N VAL B 60 4.87 14.15 16.02
CA VAL B 60 4.24 13.68 17.24
C VAL B 60 3.96 14.90 18.11
N ASP B 61 2.71 15.04 18.52
CA ASP B 61 2.26 16.22 19.28
C ASP B 61 2.30 15.81 20.73
N ALA B 62 3.41 16.12 21.39
CA ALA B 62 3.68 15.61 22.75
C ALA B 62 2.80 16.30 23.80
N VAL B 63 2.29 17.50 23.50
CA VAL B 63 1.43 18.22 24.45
C VAL B 63 0.03 17.61 24.39
N LYS B 64 -0.55 17.58 23.19
CA LYS B 64 -1.86 16.94 22.99
C LYS B 64 -1.88 15.47 23.49
N LEU B 65 -0.79 14.72 23.26
CA LEU B 65 -0.71 13.35 23.73
C LEU B 65 -0.29 13.17 25.20
N ASN B 66 0.12 14.26 25.85
CA ASN B 66 0.55 14.24 27.25
C ASN B 66 1.74 13.28 27.42
N LEU B 67 2.76 13.47 26.58
CA LEU B 67 3.94 12.64 26.61
C LEU B 67 5.13 13.50 26.95
N PRO B 68 5.36 13.75 28.25
CA PRO B 68 6.45 14.66 28.64
C PRO B 68 7.87 14.12 28.37
N ASP B 69 7.94 12.79 28.16
CA ASP B 69 9.18 12.06 27.86
C ASP B 69 9.54 11.87 26.38
N TYR B 70 8.60 12.13 25.47
CA TYR B 70 8.79 11.81 24.05
C TYR B 70 10.07 12.49 23.47
N TYR B 71 10.13 13.81 23.55
CA TYR B 71 11.29 14.54 23.01
C TYR B 71 12.49 14.57 23.99
N LYS B 72 12.33 13.97 25.17
CA LYS B 72 13.47 13.64 26.05
C LYS B 72 14.15 12.37 25.58
N ILE B 73 13.39 11.53 24.86
CA ILE B 73 13.88 10.25 24.36
C ILE B 73 14.17 10.27 22.87
N ILE B 74 13.31 10.92 22.10
CA ILE B 74 13.46 10.99 20.65
C ILE B 74 14.06 12.32 20.24
N LYS B 75 15.32 12.29 19.81
CA LYS B 75 16.10 13.49 19.45
C LYS B 75 16.27 13.68 17.95
N THR B 76 15.83 12.70 17.15
CA THR B 76 15.75 12.84 15.70
C THR B 76 14.33 12.49 15.26
N PRO B 77 13.34 13.29 15.69
CA PRO B 77 11.98 12.98 15.24
C PRO B 77 11.78 13.10 13.72
N MET B 78 10.86 12.29 13.19
CA MET B 78 10.53 12.36 11.78
C MET B 78 9.10 11.89 11.58
N ASP B 79 8.47 12.34 10.49
CA ASP B 79 7.07 11.97 10.19
C ASP B 79 6.84 12.12 8.68
N MET B 80 5.77 11.50 8.18
CA MET B 80 5.47 11.56 6.74
C MET B 80 5.07 12.92 6.24
N GLY B 81 4.53 13.78 7.10
CA GLY B 81 4.29 15.18 6.76
C GLY B 81 5.56 15.93 6.42
N THR B 82 6.59 15.75 7.25
CA THR B 82 7.90 16.31 7.00
C THR B 82 8.48 15.72 5.72
N ILE B 83 8.37 14.40 5.57
CA ILE B 83 8.88 13.75 4.35
C ILE B 83 8.18 14.27 3.11
N LYS B 84 6.85 14.37 3.17
CA LYS B 84 6.07 14.89 2.05
C LYS B 84 6.64 16.24 1.62
N LYS B 85 6.75 17.13 2.59
CA LYS B 85 7.16 18.51 2.31
C LYS B 85 8.56 18.56 1.72
N ARG B 86 9.45 17.71 2.26
CA ARG B 86 10.83 17.60 1.78
C ARG B 86 10.89 17.12 0.33
N LEU B 87 10.05 16.15 -0.02
CA LEU B 87 9.98 15.68 -1.42
C LEU B 87 9.41 16.75 -2.35
N GLU B 88 8.36 17.41 -1.92
CA GLU B 88 7.76 18.49 -2.72
C GLU B 88 8.72 19.68 -2.87
N ASN B 89 9.48 19.97 -1.82
CA ASN B 89 10.52 21.01 -1.87
C ASN B 89 11.86 20.61 -2.53
N ASN B 90 11.99 19.37 -3.01
N ASN B 90 11.96 19.36 -3.00
CA ASN B 90 13.22 18.88 -3.67
CA ASN B 90 13.18 18.83 -3.64
C ASN B 90 14.43 18.91 -2.74
C ASN B 90 14.40 18.97 -2.72
N TYR B 91 14.19 18.58 -1.46
CA TYR B 91 15.14 18.76 -0.38
C TYR B 91 16.33 17.82 -0.41
N TYR B 92 16.15 16.63 -0.97
CA TYR B 92 17.16 15.59 -0.88
C TYR B 92 18.15 15.63 -2.04
N TRP B 93 19.35 15.13 -1.79
CA TRP B 93 20.35 14.86 -2.86
C TRP B 93 20.15 13.47 -3.51
N ASN B 94 19.78 12.47 -2.73
CA ASN B 94 19.47 11.14 -3.30
C ASN B 94 18.41 10.43 -2.51
N ALA B 95 17.87 9.38 -3.12
CA ALA B 95 16.78 8.59 -2.54
C ALA B 95 17.09 8.07 -1.14
N GLN B 96 18.36 7.73 -0.89
CA GLN B 96 18.79 7.21 0.41
C GLN B 96 18.56 8.14 1.62
N GLU B 97 18.72 9.46 1.44
CA GLU B 97 18.37 10.43 2.50
C GLU B 97 16.87 10.37 2.86
N CYS B 98 16.03 10.23 1.84
CA CYS B 98 14.59 10.14 2.05
C CYS B 98 14.25 8.80 2.72
N ILE B 99 14.83 7.73 2.20
CA ILE B 99 14.68 6.39 2.77
C ILE B 99 15.09 6.38 4.25
N GLN B 100 16.19 7.06 4.57
CA GLN B 100 16.66 7.19 5.97
C GLN B 100 15.62 7.90 6.83
N ASP B 101 14.99 8.93 6.26
CA ASP B 101 13.92 9.62 7.00
C ASP B 101 12.77 8.65 7.34
N PHE B 102 12.34 7.85 6.38
CA PHE B 102 11.31 6.83 6.65
C PHE B 102 11.79 5.86 7.73
N ASN B 103 13.01 5.36 7.58
CA ASN B 103 13.57 4.42 8.56
C ASN B 103 13.59 5.04 9.98
N THR B 104 14.00 6.30 10.07
CA THR B 104 13.98 7.06 11.32
C THR B 104 12.59 7.12 11.95
N MET B 105 11.58 7.45 11.14
CA MET B 105 10.20 7.53 11.61
C MET B 105 9.77 6.19 12.21
N PHE B 106 10.07 5.12 11.47
CA PHE B 106 9.71 3.79 11.94
C PHE B 106 10.48 3.37 13.20
N THR B 107 11.80 3.50 13.21
N THR B 107 11.80 3.53 13.16
CA THR B 107 12.56 3.09 14.38
CA THR B 107 12.69 3.22 14.29
C THR B 107 12.25 3.96 15.63
C THR B 107 12.24 3.96 15.56
N ASN B 108 11.99 5.27 15.42
CA ASN B 108 11.54 6.14 16.52
C ASN B 108 10.31 5.56 17.25
N CYS B 109 9.31 5.19 16.45
CA CYS B 109 8.11 4.55 16.93
C CYS B 109 8.40 3.27 17.72
N TYR B 110 9.21 2.40 17.12
CA TYR B 110 9.61 1.15 17.77
C TYR B 110 10.42 1.40 19.04
N ILE B 111 11.21 2.47 19.05
CA ILE B 111 12.01 2.85 20.23
C ILE B 111 11.13 3.32 21.39
N TYR B 112 10.23 4.24 21.13
CA TYR B 112 9.46 4.87 22.17
C TYR B 112 8.40 3.94 22.74
N ASN B 113 7.79 3.15 21.86
CA ASN B 113 6.65 2.34 22.23
C ASN B 113 7.05 0.90 22.59
N LYS B 114 6.07 0.15 23.11
CA LYS B 114 6.23 -1.26 23.51
C LYS B 114 5.63 -2.10 22.40
N PRO B 115 6.27 -3.23 22.03
CA PRO B 115 5.87 -4.07 20.89
C PRO B 115 4.38 -4.41 20.76
N GLY B 116 3.67 -4.55 21.89
CA GLY B 116 2.23 -4.85 21.83
C GLY B 116 1.34 -3.70 21.34
N ASP B 117 1.86 -2.47 21.43
CA ASP B 117 1.05 -1.24 21.32
C ASP B 117 0.34 -1.15 19.98
N ASP B 118 -0.87 -0.59 19.97
CA ASP B 118 -1.60 -0.39 18.72
C ASP B 118 -0.76 0.43 17.72
N ILE B 119 -0.11 1.48 18.21
CA ILE B 119 0.70 2.34 17.33
C ILE B 119 1.83 1.55 16.64
N VAL B 120 2.37 0.56 17.35
CA VAL B 120 3.40 -0.33 16.79
C VAL B 120 2.84 -1.25 15.71
N LEU B 121 1.65 -1.81 15.92
CA LEU B 121 1.01 -2.64 14.89
C LEU B 121 0.73 -1.79 13.65
N MET B 122 0.34 -0.53 13.88
CA MET B 122 0.07 0.40 12.79
C MET B 122 1.34 0.69 12.01
N ALA B 123 2.40 0.98 12.76
CA ALA B 123 3.72 1.18 12.20
C ALA B 123 4.17 -0.02 11.39
N GLU B 124 4.00 -1.23 11.96
CA GLU B 124 4.45 -2.46 11.30
C GLU B 124 3.72 -2.69 9.99
N ALA B 125 2.42 -2.40 9.96
CA ALA B 125 1.63 -2.47 8.73
C ALA B 125 2.14 -1.50 7.66
N LEU B 126 2.30 -0.24 8.02
CA LEU B 126 2.85 0.77 7.11
C LEU B 126 4.25 0.43 6.63
N GLU B 127 5.14 -0.01 7.52
CA GLU B 127 6.50 -0.37 7.10
C GLU B 127 6.48 -1.51 6.09
N LYS B 128 5.54 -2.46 6.23
CA LYS B 128 5.44 -3.54 5.24
C LYS B 128 5.12 -3.00 3.86
N LEU B 129 4.11 -2.14 3.78
CA LEU B 129 3.78 -1.46 2.53
C LEU B 129 4.96 -0.62 2.00
N PHE B 130 5.58 0.16 2.88
CA PHE B 130 6.79 0.94 2.54
C PHE B 130 7.88 0.06 1.92
N LEU B 131 8.21 -1.05 2.57
CA LEU B 131 9.19 -1.98 2.01
C LEU B 131 8.76 -2.55 0.66
N GLN B 132 7.48 -2.90 0.53
CA GLN B 132 6.98 -3.42 -0.74
C GLN B 132 7.19 -2.42 -1.88
N LYS B 133 6.95 -1.14 -1.63
CA LYS B 133 7.23 -0.07 -2.62
C LYS B 133 8.73 0.18 -2.86
N ILE B 134 9.52 0.19 -1.80
CA ILE B 134 10.99 0.34 -1.89
C ILE B 134 11.61 -0.79 -2.71
N ASN B 135 11.08 -2.01 -2.57
CA ASN B 135 11.46 -3.15 -3.42
C ASN B 135 11.48 -2.84 -4.91
N GLU B 136 10.58 -1.96 -5.34
CA GLU B 136 10.47 -1.58 -6.75
C GLU B 136 11.10 -0.21 -7.11
N LEU B 137 12.02 0.29 -6.28
CA LEU B 137 12.77 1.52 -6.64
C LEU B 137 13.56 1.30 -7.95
N PRO B 138 13.42 2.22 -8.93
CA PRO B 138 14.27 2.05 -10.12
C PRO B 138 15.75 2.35 -9.87
#